data_4BTI
#
_entry.id   4BTI
#
_cell.length_a   55.650
_cell.length_b   55.650
_cell.length_c   173.160
_cell.angle_alpha   90.00
_cell.angle_beta   90.00
_cell.angle_gamma   120.00
#
_symmetry.space_group_name_H-M   'P 32'
#
loop_
_entity.id
_entity.type
_entity.pdbx_description
1 polymer 'COAGULATION FACTOR X HEAVY CHAIN'
2 polymer 'COAGULATION FACTOR X LIGHT CHAIN'
3 non-polymer 'CALCIUM ION'
4 non-polymer '5-Chloro-thiophene-2-carboxylic acid [(S)-2-[2-difluoromethoxy-3-(2-oxo-piperidin-1-yl)-benzenesulfonylamino]-3-((S)-3-dimethylamino-pyrrolidin-1-yl)-3-oxo-propyl]-amide'
5 water water
#
loop_
_entity_poly.entity_id
_entity_poly.type
_entity_poly.pdbx_seq_one_letter_code
_entity_poly.pdbx_strand_id
1 'polypeptide(L)'
;YKDGDQCETSPCQNQGKCKDGLGEYTCTCLEGFEGKNCELFTRKLCSLDNGDCDQFCHEEQNSVVCSCARGYTLADNGKA
CIPTGPYPCGKQTLER
;
A,E
2 'polypeptide(L)'
;IVGGQECKDGECPWQALLINEENEGFCGGTILSEFYILTAAHCLYQAKRFKVRVGDRNTEQEEGGEAVHEVEVVIKHNRF
TKETYDFDIAVLRLKTPITFRMNVAPACLPERDWAESTLMTQKTGIVSGFGRTHEKGRQSTRLKMLEVPYVDRNSCKLSS
SFIITQNMFCAGYDTKQEDACQGDSGGPHVTRFKDTYFVTGIVSWGEGCARKGKYGIYTKVTAFLKWIDRSMKTRGLPKA
KSHAPEVITSSPLK
;
B,F
#
loop_
_chem_comp.id
_chem_comp.type
_chem_comp.name
_chem_comp.formula
7R9 non-polymer '5-Chloro-thiophene-2-carboxylic acid [(S)-2-[2-difluoromethoxy-3-(2-oxo-piperidin-1-yl)-benzenesulfonylamino]-3-((S)-3-dimethylamino-pyrrolidin-1-yl)-3-oxo-propyl]-amide' 'C26 H32 Cl F2 N5 O6 S2'
CA non-polymer 'CALCIUM ION' 'Ca 2'
#
# COMPACT_ATOMS: atom_id res chain seq x y z
N ARG A 43 -7.30 19.14 15.27
CA ARG A 43 -6.52 18.46 14.18
C ARG A 43 -6.98 18.91 12.78
N LYS A 44 -6.24 18.49 11.75
CA LYS A 44 -6.40 19.03 10.39
C LYS A 44 -7.10 18.06 9.43
N LEU A 45 -8.21 18.50 8.84
CA LEU A 45 -8.90 17.80 7.75
C LEU A 45 -9.46 16.42 8.15
N CYS A 46 -8.93 15.32 7.58
CA CYS A 46 -9.45 13.99 7.89
C CYS A 46 -9.32 13.68 9.39
N SER A 47 -8.29 14.25 10.02
CA SER A 47 -8.11 14.14 11.45
C SER A 47 -9.24 14.85 12.22
N LEU A 48 -9.73 15.96 11.68
CA LEU A 48 -10.87 16.67 12.24
C LEU A 48 -12.20 16.08 11.74
N ASP A 49 -12.80 15.22 12.56
CA ASP A 49 -14.11 14.65 12.28
C ASP A 49 -14.21 13.98 10.91
N ASN A 50 -13.16 13.24 10.54
CA ASN A 50 -13.17 12.44 9.30
C ASN A 50 -13.45 13.26 8.04
N GLY A 51 -13.13 14.56 8.10
CA GLY A 51 -13.39 15.47 6.98
C GLY A 51 -14.86 15.58 6.57
N ASP A 52 -15.76 15.29 7.52
CA ASP A 52 -17.21 15.28 7.27
C ASP A 52 -17.66 14.18 6.30
N CYS A 53 -16.80 13.19 6.06
CA CYS A 53 -17.12 12.07 5.17
C CYS A 53 -17.83 10.98 5.95
N ASP A 54 -18.75 10.27 5.28
CA ASP A 54 -19.42 9.13 5.90
C ASP A 54 -18.46 7.98 6.16
N GLN A 55 -17.65 7.63 5.17
CA GLN A 55 -16.77 6.46 5.25
C GLN A 55 -15.29 6.83 5.14
N PHE A 56 -14.70 6.66 3.96
CA PHE A 56 -13.27 6.88 3.77
C PHE A 56 -12.93 8.36 3.55
N CYS A 57 -11.81 8.79 4.13
CA CYS A 57 -11.29 10.14 3.97
C CYS A 57 -9.80 10.07 3.66
N HIS A 58 -9.38 10.75 2.60
CA HIS A 58 -7.96 10.99 2.35
C HIS A 58 -7.77 12.42 1.85
N GLU A 59 -6.73 13.09 2.32
CA GLU A 59 -6.46 14.45 1.91
C GLU A 59 -5.84 14.49 0.53
N GLU A 60 -6.23 15.47 -0.26
CA GLU A 60 -5.88 15.54 -1.66
C GLU A 60 -6.07 16.97 -2.15
N GLN A 61 -4.98 17.61 -2.59
CA GLN A 61 -5.04 18.99 -3.06
C GLN A 61 -5.32 19.95 -1.89
N ASN A 62 -4.72 19.67 -0.73
CA ASN A 62 -5.13 20.25 0.58
C ASN A 62 -6.52 19.79 0.97
N SER A 63 -7.49 20.01 0.08
CA SER A 63 -8.86 19.56 0.25
C SER A 63 -8.97 18.11 0.69
N VAL A 64 -10.17 17.74 1.11
CA VAL A 64 -10.50 16.38 1.48
C VAL A 64 -11.27 15.73 0.34
N VAL A 65 -11.02 14.44 0.13
CA VAL A 65 -11.81 13.64 -0.80
C VAL A 65 -12.40 12.45 -0.05
N CYS A 66 -13.73 12.35 -0.10
CA CYS A 66 -14.44 11.23 0.51
C CYS A 66 -14.70 10.16 -0.53
N SER A 67 -14.73 8.91 -0.09
CA SER A 67 -15.15 7.80 -0.94
C SER A 67 -15.91 6.77 -0.12
N CYS A 68 -16.51 5.80 -0.81
CA CYS A 68 -17.36 4.81 -0.16
C CYS A 68 -16.96 3.39 -0.55
N ALA A 69 -17.38 2.43 0.27
CA ALA A 69 -17.11 1.03 -0.01
C ALA A 69 -18.09 0.52 -1.06
N ARG A 70 -17.88 -0.72 -1.50
CA ARG A 70 -18.73 -1.34 -2.51
C ARG A 70 -20.16 -1.44 -1.97
N GLY A 71 -21.14 -1.29 -2.86
CA GLY A 71 -22.56 -1.26 -2.47
C GLY A 71 -23.08 0.13 -2.20
N TYR A 72 -22.19 1.12 -2.14
CA TYR A 72 -22.56 2.52 -1.96
C TYR A 72 -22.07 3.36 -3.12
N THR A 73 -22.69 4.53 -3.30
CA THR A 73 -22.15 5.57 -4.18
C THR A 73 -22.10 6.88 -3.41
N LEU A 74 -21.09 7.69 -3.69
CA LEU A 74 -20.91 8.99 -3.05
C LEU A 74 -22.10 9.89 -3.40
N ALA A 75 -22.55 10.70 -2.45
CA ALA A 75 -23.67 11.60 -2.68
C ALA A 75 -23.21 12.83 -3.45
N ASP A 76 -24.17 13.64 -3.89
CA ASP A 76 -23.87 14.87 -4.62
C ASP A 76 -23.09 15.88 -3.78
N ASN A 77 -23.27 15.84 -2.46
CA ASN A 77 -22.47 16.67 -1.54
C ASN A 77 -21.00 16.25 -1.45
N GLY A 78 -20.67 15.10 -2.03
CA GLY A 78 -19.30 14.60 -2.06
C GLY A 78 -18.80 14.07 -0.72
N LYS A 79 -19.72 13.74 0.18
CA LYS A 79 -19.39 13.31 1.53
C LYS A 79 -20.19 12.08 1.95
N ALA A 80 -21.51 12.15 1.77
CA ALA A 80 -22.39 11.06 2.20
C ALA A 80 -22.23 9.85 1.31
N CYS A 81 -22.47 8.67 1.89
CA CYS A 81 -22.41 7.41 1.18
C CYS A 81 -23.82 6.82 1.10
N ILE A 82 -24.35 6.70 -0.12
CA ILE A 82 -25.72 6.29 -0.36
C ILE A 82 -25.75 4.84 -0.88
N PRO A 83 -26.53 3.95 -0.21
CA PRO A 83 -26.64 2.57 -0.67
C PRO A 83 -27.25 2.43 -2.07
N THR A 84 -26.67 1.58 -2.90
CA THR A 84 -27.17 1.37 -4.26
C THR A 84 -28.43 0.48 -4.27
N GLY A 85 -28.51 -0.40 -3.28
CA GLY A 85 -29.56 -1.41 -3.22
C GLY A 85 -29.77 -1.73 -1.76
N PRO A 86 -30.68 -2.66 -1.45
CA PRO A 86 -30.85 -3.08 -0.07
C PRO A 86 -29.67 -3.93 0.39
N TYR A 87 -29.45 -3.96 1.70
CA TYR A 87 -28.37 -4.73 2.30
C TYR A 87 -26.98 -4.30 1.80
N PRO A 88 -26.66 -2.99 1.97
CA PRO A 88 -25.31 -2.52 1.70
C PRO A 88 -24.37 -2.99 2.80
N CYS A 89 -23.08 -3.10 2.48
CA CYS A 89 -22.13 -3.66 3.45
C CYS A 89 -22.11 -2.84 4.73
N GLY A 90 -21.80 -3.51 5.83
CA GLY A 90 -21.59 -2.83 7.12
C GLY A 90 -22.83 -2.42 7.89
N LYS A 91 -24.02 -2.62 7.32
CA LYS A 91 -25.26 -2.20 7.99
C LYS A 91 -25.98 -3.39 8.61
N GLN A 92 -26.24 -3.30 9.91
CA GLN A 92 -26.96 -4.35 10.62
C GLN A 92 -28.37 -4.48 10.05
N THR A 93 -28.73 -5.70 9.61
CA THR A 93 -29.94 -5.90 8.83
C THR A 93 -31.16 -6.01 9.74
N LEU A 94 -31.55 -4.90 10.34
CA LEU A 94 -32.69 -4.88 11.25
C LEU A 94 -34.02 -4.89 10.47
N GLU A 95 -33.95 -4.56 9.18
CA GLU A 95 -35.04 -4.81 8.23
C GLU A 95 -34.84 -6.19 7.58
N ARG A 96 -33.93 -6.40 6.78
N ILE B 1 -17.04 -18.07 21.61
CA ILE B 1 -16.90 -16.78 22.37
C ILE B 1 -17.10 -17.03 23.85
N VAL B 2 -16.11 -16.65 24.66
CA VAL B 2 -16.21 -16.73 26.12
C VAL B 2 -16.77 -15.43 26.65
N GLY B 3 -17.87 -15.51 27.41
CA GLY B 3 -18.58 -14.33 27.88
C GLY B 3 -19.37 -13.72 26.73
N GLY B 4 -19.45 -12.39 26.70
CA GLY B 4 -20.12 -11.70 25.62
C GLY B 4 -21.64 -11.86 25.62
N GLN B 5 -22.26 -11.47 24.50
CA GLN B 5 -23.71 -11.54 24.31
C GLN B 5 -23.98 -12.34 23.03
N GLU B 6 -25.18 -12.89 22.90
CA GLU B 6 -25.57 -13.57 21.66
C GLU B 6 -26.04 -12.55 20.61
N CYS B 7 -25.73 -12.79 19.34
CA CYS B 7 -26.15 -11.90 18.26
C CYS B 7 -27.66 -11.99 18.06
N LYS B 8 -28.33 -10.84 18.10
CA LYS B 8 -29.76 -10.77 17.84
C LYS B 8 -30.02 -10.69 16.34
N ASP B 9 -31.28 -10.75 15.95
CA ASP B 9 -31.66 -10.72 14.54
C ASP B 9 -31.10 -9.49 13.83
N GLY B 10 -30.21 -9.73 12.86
CA GLY B 10 -29.65 -8.68 12.03
C GLY B 10 -28.41 -7.99 12.58
N GLU B 11 -27.89 -8.48 13.70
CA GLU B 11 -26.75 -7.82 14.38
C GLU B 11 -25.38 -8.24 13.87
N CYS B 12 -25.27 -9.48 13.40
CA CYS B 12 -24.01 -10.03 12.94
C CYS B 12 -24.23 -10.72 11.58
N PRO B 13 -24.78 -9.98 10.59
CA PRO B 13 -25.22 -10.60 9.34
C PRO B 13 -24.08 -11.03 8.40
N TRP B 14 -22.86 -10.60 8.72
CA TRP B 14 -21.66 -10.97 7.96
C TRP B 14 -21.05 -12.29 8.46
N GLN B 15 -21.64 -12.87 9.51
CA GLN B 15 -21.15 -14.16 10.03
C GLN B 15 -21.36 -15.30 9.03
N ALA B 16 -20.29 -16.01 8.72
CA ALA B 16 -20.36 -17.23 7.92
C ALA B 16 -19.88 -18.40 8.77
N LEU B 17 -20.26 -19.62 8.38
CA LEU B 17 -19.90 -20.83 9.11
C LEU B 17 -19.39 -21.90 8.13
N LEU B 18 -18.15 -22.34 8.33
CA LEU B 18 -17.58 -23.42 7.53
C LEU B 18 -17.98 -24.75 8.15
N ILE B 19 -18.68 -25.57 7.38
CA ILE B 19 -19.21 -26.84 7.87
C ILE B 19 -18.55 -28.00 7.14
N ASN B 20 -18.35 -29.10 7.85
CA ASN B 20 -17.64 -30.27 7.30
C ASN B 20 -18.59 -31.32 6.74
N GLU B 21 -18.02 -32.40 6.21
CA GLU B 21 -18.78 -33.58 5.77
C GLU B 21 -19.85 -34.06 6.75
N GLU B 22 -19.59 -33.90 8.04
CA GLU B 22 -20.52 -34.29 9.10
C GLU B 22 -21.58 -33.22 9.40
N ASN B 23 -21.57 -32.12 8.66
CA ASN B 23 -22.46 -30.98 8.90
C ASN B 23 -22.13 -30.23 10.21
N GLU B 24 -20.94 -30.45 10.74
CA GLU B 24 -20.49 -29.77 11.96
C GLU B 24 -19.73 -28.50 11.60
N GLY B 25 -20.06 -27.40 12.27
CA GLY B 25 -19.35 -26.13 12.09
C GLY B 25 -18.00 -26.17 12.80
N PHE B 26 -16.92 -25.95 12.05
CA PHE B 26 -15.57 -26.04 12.61
C PHE B 26 -14.77 -24.72 12.58
N CYS B 27 -15.22 -23.76 11.78
CA CYS B 27 -14.60 -22.43 11.70
C CYS B 27 -15.62 -21.38 11.32
N GLY B 28 -15.27 -20.12 11.54
CA GLY B 28 -16.09 -19.00 11.08
C GLY B 28 -15.56 -18.38 9.80
N GLY B 29 -16.28 -17.38 9.30
CA GLY B 29 -15.89 -16.62 8.13
C GLY B 29 -16.60 -15.28 8.11
N THR B 30 -16.21 -14.42 7.17
CA THR B 30 -16.86 -13.11 7.01
C THR B 30 -17.31 -12.94 5.55
N ILE B 31 -18.57 -12.55 5.38
CA ILE B 31 -19.10 -12.28 4.05
C ILE B 31 -18.56 -10.95 3.57
N LEU B 32 -17.92 -10.96 2.39
CA LEU B 32 -17.38 -9.75 1.77
C LEU B 32 -18.24 -9.26 0.60
N SER B 33 -18.88 -10.20 -0.09
CA SER B 33 -19.75 -9.90 -1.22
C SER B 33 -20.60 -11.13 -1.56
N GLU B 34 -21.28 -11.14 -2.70
CA GLU B 34 -22.10 -12.31 -3.10
C GLU B 34 -21.30 -13.57 -3.27
N PHE B 35 -20.08 -13.43 -3.76
CA PHE B 35 -19.25 -14.59 -4.14
C PHE B 35 -18.09 -14.89 -3.18
N TYR B 36 -17.74 -13.95 -2.31
CA TYR B 36 -16.49 -14.08 -1.54
C TYR B 36 -16.65 -14.11 -0.03
N ILE B 37 -15.90 -15.04 0.59
CA ILE B 37 -15.83 -15.19 2.04
C ILE B 37 -14.39 -15.03 2.51
N LEU B 38 -14.19 -14.25 3.57
CA LEU B 38 -12.88 -14.12 4.23
C LEU B 38 -12.77 -15.10 5.39
N THR B 39 -11.67 -15.84 5.46
CA THR B 39 -11.46 -16.80 6.54
C THR B 39 -9.97 -16.97 6.86
N ALA B 40 -9.67 -17.79 7.86
CA ALA B 40 -8.28 -18.09 8.23
C ALA B 40 -7.73 -19.21 7.36
N ALA B 41 -6.44 -19.14 7.05
CA ALA B 41 -5.77 -20.15 6.26
C ALA B 41 -5.69 -21.49 6.99
N HIS B 42 -5.51 -21.44 8.31
CA HIS B 42 -5.35 -22.66 9.11
C HIS B 42 -6.64 -23.52 9.19
N CYS B 43 -7.79 -22.91 8.92
CA CYS B 43 -9.08 -23.60 8.89
C CYS B 43 -9.19 -24.62 7.74
N LEU B 44 -8.33 -24.48 6.74
CA LEU B 44 -8.44 -25.28 5.52
C LEU B 44 -7.73 -26.65 5.63
N TYR B 45 -7.19 -26.97 6.81
CA TYR B 45 -6.56 -28.25 7.11
C TYR B 45 -7.29 -28.98 8.26
N GLN B 46 -8.54 -28.62 8.56
CA GLN B 46 -9.31 -29.25 9.64
C GLN B 46 -10.48 -30.06 9.09
N ALA B 47 -10.39 -30.40 7.81
CA ALA B 47 -11.41 -31.18 7.13
C ALA B 47 -10.85 -31.57 5.78
N LYS B 48 -11.47 -32.56 5.14
CA LYS B 48 -11.07 -32.95 3.78
C LYS B 48 -11.95 -32.27 2.74
N ARG B 49 -13.09 -31.74 3.18
CA ARG B 49 -14.03 -31.04 2.32
C ARG B 49 -15.01 -30.25 3.17
N PHE B 50 -15.38 -29.05 2.71
CA PHE B 50 -16.29 -28.19 3.47
C PHE B 50 -17.23 -27.37 2.60
N LYS B 51 -18.24 -26.79 3.24
CA LYS B 51 -19.19 -25.87 2.60
C LYS B 51 -19.36 -24.64 3.48
N VAL B 52 -19.98 -23.59 2.93
CA VAL B 52 -20.25 -22.37 3.69
C VAL B 52 -21.75 -22.22 3.95
N ARG B 53 -22.09 -21.92 5.20
CA ARG B 53 -23.48 -21.67 5.60
C ARG B 53 -23.61 -20.24 6.09
N VAL B 54 -24.64 -19.55 5.61
CA VAL B 54 -24.91 -18.17 5.99
C VAL B 54 -26.30 -18.05 6.63
N GLY B 55 -26.50 -16.98 7.42
CA GLY B 55 -27.78 -16.71 8.06
C GLY B 55 -28.12 -17.61 9.24
N ASP B 56 -27.12 -18.33 9.75
CA ASP B 56 -27.30 -19.25 10.86
C ASP B 56 -27.09 -18.51 12.18
N ARG B 57 -28.04 -18.60 13.10
CA ARG B 57 -27.86 -18.07 14.47
C ARG B 57 -28.01 -19.15 15.54
N ASN B 58 -28.37 -20.37 15.13
CA ASN B 58 -28.63 -21.48 16.05
C ASN B 58 -28.33 -22.81 15.36
N THR B 59 -27.26 -23.49 15.76
CA THR B 59 -26.81 -24.69 15.05
C THR B 59 -27.68 -25.94 15.31
N GLU B 60 -28.47 -25.93 16.38
CA GLU B 60 -29.28 -27.10 16.72
C GLU B 60 -30.69 -27.06 16.12
N GLN B 61 -31.11 -25.88 15.65
CA GLN B 61 -32.41 -25.74 14.97
C GLN B 61 -32.25 -25.03 13.64
N GLU B 62 -33.19 -25.28 12.72
CA GLU B 62 -33.19 -24.61 11.42
C GLU B 62 -33.92 -23.28 11.52
N GLU B 63 -33.57 -22.34 10.64
CA GLU B 63 -34.20 -21.03 10.64
C GLU B 63 -34.17 -20.38 9.25
N GLY B 64 -35.15 -19.54 8.99
CA GLY B 64 -35.43 -19.01 7.64
C GLY B 64 -34.29 -18.35 6.90
N GLY B 65 -33.36 -17.76 7.63
CA GLY B 65 -32.22 -17.08 6.99
C GLY B 65 -31.21 -17.99 6.32
N GLU B 66 -31.21 -19.27 6.66
CA GLU B 66 -30.11 -20.16 6.29
C GLU B 66 -30.02 -20.53 4.83
N ALA B 67 -28.78 -20.62 4.34
CA ALA B 67 -28.50 -21.15 3.01
C ALA B 67 -27.09 -21.72 2.96
N VAL B 68 -26.92 -22.84 2.26
CA VAL B 68 -25.60 -23.47 2.09
C VAL B 68 -24.98 -23.05 0.75
N HIS B 69 -23.67 -22.89 0.72
CA HIS B 69 -22.95 -22.56 -0.52
C HIS B 69 -21.70 -23.41 -0.63
N GLU B 70 -21.46 -23.93 -1.83
CA GLU B 70 -20.24 -24.70 -2.10
C GLU B 70 -19.13 -23.79 -2.63
N VAL B 71 -17.91 -24.09 -2.24
CA VAL B 71 -16.75 -23.29 -2.63
C VAL B 71 -16.27 -23.78 -4.00
N GLU B 72 -16.03 -22.84 -4.91
CA GLU B 72 -15.48 -23.14 -6.22
C GLU B 72 -13.95 -23.11 -6.17
N VAL B 73 -13.39 -22.06 -5.58
CA VAL B 73 -11.94 -21.90 -5.46
C VAL B 73 -11.54 -21.47 -4.04
N VAL B 74 -10.52 -22.12 -3.50
CA VAL B 74 -9.96 -21.74 -2.21
C VAL B 74 -8.64 -21.02 -2.43
N ILE B 75 -8.57 -19.76 -2.02
CA ILE B 75 -7.35 -18.95 -2.21
C ILE B 75 -6.65 -18.76 -0.86
N LYS B 76 -5.85 -19.75 -0.50
CA LYS B 76 -5.04 -19.72 0.72
C LYS B 76 -3.76 -18.93 0.44
N HIS B 77 -3.31 -18.16 1.43
CA HIS B 77 -2.10 -17.34 1.27
C HIS B 77 -0.87 -18.23 1.28
N ASN B 78 -0.14 -18.24 0.15
CA ASN B 78 1.00 -19.16 -0.05
C ASN B 78 2.12 -19.08 1.00
N ARG B 79 2.16 -17.98 1.75
CA ARG B 79 3.13 -17.81 2.83
C ARG B 79 2.64 -18.27 4.21
N PHE B 80 1.42 -18.81 4.31
CA PHE B 80 0.92 -19.28 5.60
C PHE B 80 1.80 -20.40 6.17
N THR B 81 2.21 -20.25 7.43
CA THR B 81 2.99 -21.27 8.11
C THR B 81 2.38 -21.55 9.48
N LYS B 82 2.07 -22.83 9.73
CA LYS B 82 1.45 -23.25 10.98
C LYS B 82 2.37 -23.16 12.20
N GLU B 83 3.67 -23.00 11.95
CA GLU B 83 4.68 -22.86 13.01
C GLU B 83 4.45 -21.58 13.81
N THR B 84 4.04 -20.51 13.12
CA THR B 84 3.73 -19.22 13.73
C THR B 84 2.30 -18.73 13.53
N TYR B 85 1.56 -19.36 12.63
CA TYR B 85 0.24 -18.87 12.17
C TYR B 85 0.36 -17.49 11.52
N ASP B 86 1.52 -17.23 10.92
CA ASP B 86 1.74 -15.99 10.18
C ASP B 86 1.08 -16.11 8.82
N PHE B 87 0.59 -14.99 8.29
CA PHE B 87 -0.19 -14.97 7.03
C PHE B 87 -1.44 -15.84 7.11
N ASP B 88 -2.15 -15.72 8.23
CA ASP B 88 -3.31 -16.56 8.51
C ASP B 88 -4.57 -15.96 7.89
N ILE B 89 -4.69 -16.13 6.58
CA ILE B 89 -5.75 -15.50 5.80
C ILE B 89 -6.01 -16.28 4.52
N ALA B 90 -7.28 -16.41 4.18
CA ALA B 90 -7.70 -17.06 2.96
C ALA B 90 -9.02 -16.49 2.46
N VAL B 91 -9.22 -16.56 1.15
CA VAL B 91 -10.41 -16.05 0.50
C VAL B 91 -11.09 -17.20 -0.24
N LEU B 92 -12.41 -17.31 -0.08
CA LEU B 92 -13.19 -18.38 -0.69
C LEU B 92 -14.07 -17.81 -1.79
N ARG B 93 -14.02 -18.44 -2.97
CA ARG B 93 -14.93 -18.10 -4.07
C ARG B 93 -16.05 -19.13 -4.08
N LEU B 94 -17.29 -18.66 -3.88
CA LEU B 94 -18.47 -19.51 -3.91
C LEU B 94 -18.92 -19.75 -5.36
N LYS B 95 -19.51 -20.92 -5.61
CA LYS B 95 -20.03 -21.26 -6.93
C LYS B 95 -21.25 -20.41 -7.30
N THR B 96 -22.15 -20.23 -6.34
CA THR B 96 -23.37 -19.43 -6.54
C THR B 96 -23.37 -18.21 -5.62
N PRO B 97 -24.01 -17.11 -6.08
CA PRO B 97 -23.99 -15.87 -5.29
C PRO B 97 -24.91 -15.91 -4.08
N ILE B 98 -24.49 -15.28 -2.99
CA ILE B 98 -25.31 -15.15 -1.78
C ILE B 98 -26.44 -14.16 -2.06
N THR B 99 -27.63 -14.46 -1.57
CA THR B 99 -28.73 -13.48 -1.57
C THR B 99 -28.71 -12.76 -0.23
N PHE B 100 -28.56 -11.44 -0.26
CA PHE B 100 -28.53 -10.66 0.97
C PHE B 100 -29.95 -10.48 1.48
N ARG B 101 -30.11 -10.64 2.80
CA ARG B 101 -31.41 -10.57 3.44
C ARG B 101 -31.20 -10.34 4.93
N MET B 102 -32.26 -10.46 5.73
CA MET B 102 -32.15 -10.45 7.18
C MET B 102 -31.13 -11.51 7.62
N ASN B 103 -30.15 -11.09 8.43
CA ASN B 103 -29.08 -11.97 8.93
C ASN B 103 -28.03 -12.38 7.89
N VAL B 104 -28.08 -11.79 6.70
CA VAL B 104 -27.12 -12.11 5.64
C VAL B 104 -26.73 -10.84 4.86
N ALA B 105 -25.57 -10.28 5.22
CA ALA B 105 -25.07 -9.07 4.58
C ALA B 105 -23.56 -8.99 4.75
N PRO B 106 -22.86 -8.42 3.75
CA PRO B 106 -21.41 -8.38 3.83
C PRO B 106 -20.91 -7.30 4.79
N ALA B 107 -19.74 -7.52 5.38
CA ALA B 107 -19.02 -6.47 6.10
C ALA B 107 -18.24 -5.66 5.07
N CYS B 108 -18.06 -4.37 5.34
CA CYS B 108 -17.33 -3.51 4.40
C CYS B 108 -15.82 -3.74 4.49
N LEU B 109 -15.16 -3.68 3.34
CA LEU B 109 -13.71 -3.67 3.29
C LEU B 109 -13.23 -2.22 3.33
N PRO B 110 -12.44 -1.88 4.36
CA PRO B 110 -11.91 -0.51 4.47
C PRO B 110 -10.68 -0.24 3.62
N GLU B 111 -10.33 1.02 3.43
CA GLU B 111 -9.11 1.40 2.73
C GLU B 111 -7.93 1.37 3.70
N ARG B 112 -6.74 1.09 3.18
CA ARG B 112 -5.58 0.73 3.99
C ARG B 112 -5.17 1.81 5.00
N ASP B 113 -4.93 3.02 4.51
CA ASP B 113 -4.44 4.11 5.35
C ASP B 113 -5.54 4.60 6.29
N TRP B 114 -6.75 4.73 5.77
CA TRP B 114 -7.89 5.18 6.58
C TRP B 114 -8.12 4.23 7.75
N ALA B 115 -8.16 2.93 7.45
CA ALA B 115 -8.32 1.90 8.48
C ALA B 115 -7.28 2.06 9.59
N GLU B 116 -6.02 2.26 9.21
CA GLU B 116 -4.93 2.37 10.18
C GLU B 116 -5.02 3.67 10.99
N SER B 117 -5.40 4.76 10.33
CA SER B 117 -5.62 6.05 11.00
C SER B 117 -6.90 6.12 11.83
N THR B 118 -7.98 5.49 11.36
CA THR B 118 -9.31 5.76 11.90
C THR B 118 -9.98 4.56 12.60
N LEU B 119 -9.85 3.36 12.04
CA LEU B 119 -10.47 2.18 12.62
C LEU B 119 -9.63 1.57 13.75
N MET B 120 -8.35 1.38 13.48
CA MET B 120 -7.43 0.79 14.47
C MET B 120 -7.29 1.67 15.71
N THR B 121 -7.56 2.97 15.56
CA THR B 121 -7.46 3.94 16.65
C THR B 121 -8.74 4.05 17.50
N GLN B 122 -9.78 3.27 17.18
CA GLN B 122 -11.00 3.23 18.01
C GLN B 122 -10.70 2.43 19.28
N LYS B 123 -11.55 2.61 20.30
CA LYS B 123 -11.36 1.91 21.58
C LYS B 123 -11.57 0.40 21.46
N THR B 124 -12.64 -0.02 20.77
CA THR B 124 -12.97 -1.43 20.68
C THR B 124 -13.36 -1.88 19.27
N GLY B 125 -13.35 -3.19 19.08
CA GLY B 125 -13.96 -3.84 17.90
C GLY B 125 -14.94 -4.88 18.41
N ILE B 126 -15.60 -5.58 17.49
CA ILE B 126 -16.56 -6.61 17.86
C ILE B 126 -16.17 -7.93 17.17
N VAL B 127 -16.25 -9.04 17.91
CA VAL B 127 -15.93 -10.35 17.36
C VAL B 127 -17.04 -11.33 17.65
N SER B 128 -17.34 -12.19 16.68
CA SER B 128 -18.46 -13.11 16.78
C SER B 128 -18.11 -14.52 16.30
N GLY B 129 -18.95 -15.47 16.66
CA GLY B 129 -18.83 -16.85 16.20
C GLY B 129 -19.57 -17.90 17.01
N PHE B 130 -19.50 -19.15 16.54
CA PHE B 130 -20.09 -20.30 17.22
C PHE B 130 -19.05 -21.12 18.01
N GLY B 131 -17.92 -20.49 18.33
CA GLY B 131 -16.81 -21.18 18.97
C GLY B 131 -17.08 -21.51 20.43
N ARG B 132 -16.05 -22.01 21.11
CA ARG B 132 -16.21 -22.49 22.48
C ARG B 132 -16.54 -21.36 23.46
N THR B 133 -17.35 -21.69 24.46
CA THR B 133 -17.79 -20.73 25.47
C THR B 133 -16.88 -20.72 26.70
N HIS B 134 -16.08 -21.78 26.83
CA HIS B 134 -14.96 -21.82 27.77
C HIS B 134 -13.79 -22.43 27.04
N GLU B 135 -12.57 -22.11 27.45
CA GLU B 135 -11.36 -22.65 26.81
C GLU B 135 -11.45 -24.16 26.56
N LYS B 136 -12.04 -24.88 27.51
CA LYS B 136 -12.09 -26.33 27.52
C LYS B 136 -13.54 -26.84 27.34
N GLY B 137 -14.47 -25.92 27.08
CA GLY B 137 -15.87 -26.26 26.90
C GLY B 137 -16.19 -26.71 25.49
N ARG B 138 -17.48 -26.87 25.21
CA ARG B 138 -17.95 -27.26 23.88
C ARG B 138 -18.31 -26.04 23.06
N GLN B 139 -18.58 -26.28 21.77
CA GLN B 139 -19.03 -25.25 20.84
C GLN B 139 -20.39 -24.70 21.27
N SER B 140 -20.60 -23.41 21.05
CA SER B 140 -21.88 -22.77 21.34
C SER B 140 -22.90 -23.14 20.26
N THR B 141 -24.13 -23.42 20.68
CA THR B 141 -25.21 -23.64 19.72
C THR B 141 -25.68 -22.31 19.11
N ARG B 142 -25.46 -21.21 19.82
CA ARG B 142 -25.92 -19.89 19.38
C ARG B 142 -24.76 -19.00 18.96
N LEU B 143 -25.03 -18.15 17.98
CA LEU B 143 -24.06 -17.15 17.53
C LEU B 143 -23.89 -16.09 18.61
N LYS B 144 -22.68 -15.97 19.15
CA LYS B 144 -22.36 -14.97 20.16
C LYS B 144 -21.43 -13.91 19.62
N MET B 145 -21.42 -12.76 20.28
CA MET B 145 -20.54 -11.64 19.95
C MET B 145 -19.90 -11.08 21.21
N LEU B 146 -18.83 -10.31 21.03
CA LEU B 146 -18.08 -9.74 22.16
C LEU B 146 -17.35 -8.47 21.74
N GLU B 147 -17.57 -7.40 22.49
CA GLU B 147 -16.83 -6.16 22.28
C GLU B 147 -15.45 -6.29 22.91
N VAL B 148 -14.40 -6.19 22.08
CA VAL B 148 -13.03 -6.37 22.52
C VAL B 148 -12.20 -5.11 22.28
N PRO B 149 -11.59 -4.54 23.35
CA PRO B 149 -10.74 -3.38 23.11
C PRO B 149 -9.44 -3.71 22.39
N TYR B 150 -9.02 -2.80 21.51
CA TYR B 150 -7.70 -2.89 20.89
C TYR B 150 -6.63 -2.78 21.96
N VAL B 151 -5.65 -3.67 21.89
CA VAL B 151 -4.55 -3.71 22.86
C VAL B 151 -3.30 -3.05 22.27
N ASP B 152 -2.58 -2.31 23.11
CA ASP B 152 -1.32 -1.69 22.74
C ASP B 152 -0.32 -2.74 22.26
N ARG B 153 0.36 -2.45 21.16
CA ARG B 153 1.21 -3.45 20.50
C ARG B 153 2.40 -3.92 21.35
N ASN B 154 3.00 -3.01 22.12
CA ASN B 154 4.13 -3.38 22.98
C ASN B 154 3.70 -4.29 24.13
N SER B 155 2.57 -3.95 24.76
CA SER B 155 1.97 -4.78 25.80
C SER B 155 1.60 -6.16 25.24
N CYS B 156 1.10 -6.16 24.02
CA CYS B 156 0.76 -7.39 23.30
C CYS B 156 1.96 -8.32 23.12
N LYS B 157 3.09 -7.78 22.69
CA LYS B 157 4.31 -8.56 22.49
C LYS B 157 4.89 -9.08 23.81
N LEU B 158 4.85 -8.25 24.84
CA LEU B 158 5.37 -8.62 26.17
C LEU B 158 4.53 -9.73 26.84
N SER B 159 3.27 -9.87 26.44
CA SER B 159 2.38 -10.89 26.99
C SER B 159 2.54 -12.26 26.32
N SER B 160 3.08 -12.29 25.11
CA SER B 160 3.01 -13.48 24.27
C SER B 160 4.23 -14.39 24.38
N SER B 161 3.97 -15.70 24.50
CA SER B 161 5.01 -16.73 24.46
C SER B 161 5.45 -17.02 23.02
N PHE B 162 4.72 -16.47 22.05
CA PHE B 162 4.99 -16.70 20.64
C PHE B 162 5.10 -15.37 19.91
N ILE B 163 5.75 -15.39 18.76
CA ILE B 163 6.01 -14.17 18.00
C ILE B 163 4.72 -13.50 17.50
N ILE B 164 4.66 -12.18 17.67
CA ILE B 164 3.60 -11.35 17.10
C ILE B 164 4.19 -10.61 15.90
N THR B 165 3.78 -10.99 14.69
CA THR B 165 4.32 -10.40 13.47
C THR B 165 3.55 -9.15 13.06
N GLN B 166 4.06 -8.47 12.04
CA GLN B 166 3.39 -7.30 11.46
C GLN B 166 2.00 -7.60 10.90
N ASN B 167 1.72 -8.89 10.68
CA ASN B 167 0.43 -9.35 10.15
C ASN B 167 -0.56 -9.74 11.24
N MET B 168 -0.28 -9.35 12.49
CA MET B 168 -1.11 -9.70 13.63
C MET B 168 -1.37 -8.49 14.53
N PHE B 169 -2.52 -8.47 15.19
CA PHE B 169 -2.75 -7.53 16.29
C PHE B 169 -3.47 -8.19 17.48
N CYS B 170 -3.31 -7.58 18.65
CA CYS B 170 -3.95 -8.08 19.87
C CYS B 170 -5.26 -7.35 20.16
N ALA B 171 -6.25 -8.10 20.66
CA ALA B 171 -7.48 -7.52 21.19
C ALA B 171 -8.03 -8.40 22.30
N GLY B 172 -8.78 -7.77 23.21
CA GLY B 172 -9.40 -8.47 24.33
C GLY B 172 -9.06 -7.80 25.65
N TYR B 173 -9.11 -8.57 26.73
CA TYR B 173 -8.88 -8.04 28.07
C TYR B 173 -7.68 -8.72 28.76
N ASP B 174 -7.11 -8.01 29.73
CA ASP B 174 -5.97 -8.52 30.50
C ASP B 174 -6.42 -9.66 31.42
N THR B 175 -7.24 -9.35 32.41
CA THR B 175 -7.70 -10.32 33.41
C THR B 175 -9.15 -10.75 33.22
N LYS B 176 -9.98 -9.85 32.70
CA LYS B 176 -11.40 -10.14 32.51
C LYS B 176 -11.59 -11.37 31.62
N GLN B 177 -12.42 -12.31 32.07
CA GLN B 177 -12.56 -13.61 31.44
C GLN B 177 -13.53 -13.54 30.25
N GLU B 178 -13.15 -12.77 29.23
CA GLU B 178 -13.93 -12.64 28.00
C GLU B 178 -13.00 -12.57 26.80
N ASP B 179 -13.21 -13.45 25.83
CA ASP B 179 -12.29 -13.64 24.70
C ASP B 179 -12.95 -14.51 23.63
N ALA B 180 -12.39 -14.51 22.43
CA ALA B 180 -12.76 -15.50 21.42
C ALA B 180 -12.08 -16.82 21.77
N CYS B 181 -12.46 -17.89 21.08
CA CYS B 181 -11.94 -19.23 21.39
C CYS B 181 -12.02 -20.19 20.20
N GLN B 182 -11.48 -21.39 20.38
CA GLN B 182 -11.49 -22.43 19.35
C GLN B 182 -12.87 -22.57 18.72
N GLY B 183 -12.93 -22.56 17.39
CA GLY B 183 -14.19 -22.60 16.67
C GLY B 183 -14.63 -21.25 16.13
N ASP B 184 -14.34 -20.18 16.85
CA ASP B 184 -14.53 -18.81 16.34
C ASP B 184 -13.52 -18.54 15.22
N SER B 185 -12.38 -19.23 15.33
CA SER B 185 -11.33 -19.28 14.31
C SER B 185 -11.80 -18.96 12.88
N GLY B 186 -11.14 -17.98 12.26
CA GLY B 186 -11.45 -17.58 10.89
C GLY B 186 -12.59 -16.59 10.78
N GLY B 187 -13.22 -16.25 11.91
CA GLY B 187 -14.43 -15.43 11.92
C GLY B 187 -14.17 -13.93 11.94
N PRO B 188 -15.25 -13.12 12.03
CA PRO B 188 -15.16 -11.67 11.88
C PRO B 188 -14.66 -10.91 13.10
N HIS B 189 -13.71 -10.01 12.87
CA HIS B 189 -13.42 -8.92 13.80
C HIS B 189 -13.71 -7.64 13.04
N VAL B 190 -14.76 -6.93 13.45
CA VAL B 190 -15.20 -5.72 12.77
C VAL B 190 -15.05 -4.52 13.70
N THR B 191 -14.95 -3.33 13.13
CA THR B 191 -14.91 -2.09 13.91
C THR B 191 -16.00 -1.14 13.41
N ARG B 192 -16.67 -0.48 14.34
CA ARG B 192 -17.79 0.40 14.03
C ARG B 192 -17.32 1.82 13.75
N PHE B 193 -17.92 2.44 12.73
CA PHE B 193 -17.66 3.84 12.43
C PHE B 193 -18.90 4.45 11.78
N LYS B 194 -19.49 5.44 12.43
CA LYS B 194 -20.72 6.09 11.97
C LYS B 194 -21.79 5.08 11.54
N ASP B 195 -22.13 4.17 12.45
CA ASP B 195 -23.16 3.13 12.21
C ASP B 195 -22.84 2.17 11.07
N THR B 196 -21.56 1.98 10.77
CA THR B 196 -21.13 1.06 9.73
C THR B 196 -19.97 0.22 10.25
N TYR B 197 -20.00 -1.08 9.96
CA TYR B 197 -19.02 -2.03 10.45
C TYR B 197 -18.05 -2.47 9.36
N PHE B 198 -16.76 -2.21 9.59
CA PHE B 198 -15.70 -2.56 8.65
C PHE B 198 -14.92 -3.73 9.21
N VAL B 199 -14.62 -4.70 8.35
CA VAL B 199 -13.83 -5.87 8.76
C VAL B 199 -12.38 -5.46 8.99
N THR B 200 -11.92 -5.61 10.24
CA THR B 200 -10.57 -5.20 10.64
C THR B 200 -9.66 -6.37 11.00
N GLY B 201 -10.23 -7.55 11.25
CA GLY B 201 -9.41 -8.69 11.64
C GLY B 201 -10.06 -10.05 11.45
N ILE B 202 -9.24 -11.08 11.57
CA ILE B 202 -9.65 -12.48 11.44
C ILE B 202 -9.21 -13.24 12.69
N VAL B 203 -10.13 -13.99 13.30
CA VAL B 203 -9.81 -14.79 14.47
C VAL B 203 -8.77 -15.83 14.12
N SER B 204 -7.56 -15.70 14.66
CA SER B 204 -6.44 -16.57 14.30
C SER B 204 -6.07 -17.55 15.41
N TRP B 205 -5.58 -17.02 16.54
CA TRP B 205 -5.13 -17.89 17.63
C TRP B 205 -5.02 -17.16 18.96
N GLY B 206 -4.76 -17.94 20.01
CA GLY B 206 -4.47 -17.41 21.32
C GLY B 206 -3.95 -18.50 22.23
N GLU B 207 -3.29 -18.09 23.32
CA GLU B 207 -2.77 -19.05 24.28
C GLU B 207 -3.92 -19.49 25.18
N GLY B 208 -4.60 -20.56 24.76
CA GLY B 208 -5.86 -20.95 25.37
C GLY B 208 -6.93 -19.93 25.03
N CYS B 209 -7.82 -19.67 25.99
CA CYS B 209 -8.88 -18.69 25.81
C CYS B 209 -9.19 -17.99 27.14
N ALA B 210 -9.33 -16.67 27.10
CA ALA B 210 -9.74 -15.87 28.26
C ALA B 210 -8.74 -15.90 29.42
N ARG B 211 -7.48 -16.28 29.15
CA ARG B 211 -6.48 -16.43 30.22
C ARG B 211 -5.99 -15.07 30.69
N LYS B 212 -5.61 -14.99 31.97
CA LYS B 212 -5.15 -13.75 32.56
C LYS B 212 -3.76 -13.39 32.03
N GLY B 213 -3.60 -12.15 31.57
CA GLY B 213 -2.33 -11.70 30.98
C GLY B 213 -2.19 -12.07 29.52
N LYS B 214 -3.23 -12.66 28.94
CA LYS B 214 -3.20 -13.07 27.53
C LYS B 214 -4.35 -12.41 26.77
N TYR B 215 -4.10 -12.10 25.49
CA TYR B 215 -5.10 -11.48 24.63
C TYR B 215 -5.41 -12.39 23.45
N GLY B 216 -6.45 -12.05 22.70
CA GLY B 216 -6.75 -12.76 21.46
C GLY B 216 -5.85 -12.23 20.36
N ILE B 217 -5.42 -13.12 19.46
CA ILE B 217 -4.58 -12.71 18.33
C ILE B 217 -5.36 -12.81 17.02
N TYR B 218 -5.36 -11.70 16.29
CA TYR B 218 -6.15 -11.57 15.07
C TYR B 218 -5.27 -11.27 13.86
N THR B 219 -5.57 -11.89 12.72
CA THR B 219 -4.89 -11.54 11.48
C THR B 219 -5.27 -10.12 11.08
N LYS B 220 -4.26 -9.28 10.85
CA LYS B 220 -4.47 -7.86 10.51
C LYS B 220 -4.88 -7.73 9.05
N VAL B 221 -6.18 -7.49 8.82
CA VAL B 221 -6.73 -7.43 7.47
C VAL B 221 -6.15 -6.28 6.63
N THR B 222 -5.75 -5.19 7.27
CA THR B 222 -5.22 -4.02 6.56
C THR B 222 -3.90 -4.29 5.83
N ALA B 223 -3.15 -5.27 6.30
CA ALA B 223 -1.92 -5.68 5.63
C ALA B 223 -2.19 -6.49 4.36
N PHE B 224 -3.44 -6.90 4.13
CA PHE B 224 -3.78 -7.76 2.99
C PHE B 224 -4.88 -7.21 2.10
N LEU B 225 -5.21 -5.93 2.22
CA LEU B 225 -6.33 -5.37 1.47
C LEU B 225 -6.13 -5.44 -0.04
N LYS B 226 -4.94 -5.06 -0.51
CA LYS B 226 -4.60 -5.19 -1.93
C LYS B 226 -4.69 -6.66 -2.37
N TRP B 227 -4.14 -7.54 -1.54
CA TRP B 227 -4.17 -8.99 -1.80
C TRP B 227 -5.61 -9.52 -1.89
N ILE B 228 -6.48 -9.10 -0.98
CA ILE B 228 -7.90 -9.48 -1.01
C ILE B 228 -8.59 -8.93 -2.27
N ASP B 229 -8.28 -7.68 -2.61
CA ASP B 229 -8.86 -7.04 -3.79
C ASP B 229 -8.41 -7.75 -5.07
N ARG B 230 -7.18 -8.25 -5.06
CA ARG B 230 -6.62 -9.03 -6.17
C ARG B 230 -7.34 -10.37 -6.31
N SER B 231 -7.61 -11.00 -5.17
CA SER B 231 -8.32 -12.28 -5.14
C SER B 231 -9.72 -12.18 -5.74
N MET B 232 -10.35 -11.00 -5.62
CA MET B 232 -11.72 -10.79 -6.09
C MET B 232 -11.81 -10.32 -7.55
N LYS B 233 -10.75 -10.57 -8.34
CA LYS B 233 -10.79 -10.38 -9.80
C LYS B 233 -10.89 -11.73 -10.52
N THR B 234 -10.23 -12.75 -9.98
CA THR B 234 -10.28 -14.11 -10.54
C THR B 234 -11.28 -14.97 -9.79
N ARG B 235 -12.00 -15.77 -10.39
N ARG C 43 12.77 -15.46 6.46
CA ARG C 43 11.50 -15.14 5.73
C ARG C 43 11.30 -16.03 4.50
N LYS C 44 10.13 -15.92 3.87
CA LYS C 44 9.71 -16.87 2.83
C LYS C 44 9.74 -16.31 1.42
N LEU C 45 10.48 -17.00 0.54
CA LEU C 45 10.48 -16.73 -0.91
C LEU C 45 11.01 -15.34 -1.29
N CYS C 46 10.18 -14.46 -1.85
CA CYS C 46 10.65 -13.12 -2.25
C CYS C 46 11.20 -12.35 -1.05
N SER C 47 10.64 -12.61 0.13
CA SER C 47 11.13 -12.04 1.37
C SER C 47 12.55 -12.50 1.69
N LEU C 48 12.86 -13.75 1.34
CA LEU C 48 14.21 -14.30 1.49
C LEU C 48 15.06 -13.97 0.28
N ASP C 49 15.87 -12.91 0.39
CA ASP C 49 16.84 -12.53 -0.64
C ASP C 49 16.21 -12.36 -2.02
N ASN C 50 15.04 -11.73 -2.08
CA ASN C 50 14.39 -11.42 -3.35
C ASN C 50 14.14 -12.63 -4.25
N GLY C 51 14.02 -13.82 -3.65
CA GLY C 51 13.82 -15.06 -4.38
C GLY C 51 14.94 -15.40 -5.35
N ASP C 52 16.14 -14.87 -5.09
CA ASP C 52 17.31 -15.05 -5.96
C ASP C 52 17.15 -14.39 -7.34
N CYS C 53 16.17 -13.48 -7.46
CA CYS C 53 15.93 -12.77 -8.71
C CYS C 53 16.80 -11.52 -8.77
N ASP C 54 17.24 -11.15 -9.97
CA ASP C 54 18.02 -9.93 -10.15
C ASP C 54 17.17 -8.69 -9.89
N GLN C 55 15.97 -8.65 -10.44
CA GLN C 55 15.12 -7.46 -10.37
C GLN C 55 13.80 -7.74 -9.65
N PHE C 56 12.71 -7.94 -10.39
CA PHE C 56 11.38 -8.08 -9.80
C PHE C 56 11.13 -9.52 -9.31
N CYS C 57 10.45 -9.63 -8.17
CA CYS C 57 10.05 -10.93 -7.60
C CYS C 57 8.59 -10.85 -7.16
N HIS C 58 7.79 -11.81 -7.62
CA HIS C 58 6.45 -12.00 -7.07
C HIS C 58 6.18 -13.50 -6.94
N GLU C 59 5.55 -13.90 -5.83
CA GLU C 59 5.24 -15.30 -5.60
C GLU C 59 4.04 -15.71 -6.43
N GLU C 60 4.11 -16.94 -6.95
CA GLU C 60 3.12 -17.42 -7.90
C GLU C 60 3.11 -18.93 -7.91
N GLN C 61 1.99 -19.52 -7.48
CA GLN C 61 1.82 -20.97 -7.31
C GLN C 61 2.86 -21.53 -6.35
N ASN C 62 2.93 -20.87 -5.20
CA ASN C 62 3.98 -21.08 -4.19
C ASN C 62 5.35 -20.62 -4.69
N SER C 63 5.76 -21.19 -5.82
CA SER C 63 7.02 -20.82 -6.49
C SER C 63 7.20 -19.31 -6.64
N VAL C 64 8.43 -18.93 -6.96
CA VAL C 64 8.79 -17.55 -7.24
C VAL C 64 8.85 -17.38 -8.76
N VAL C 65 8.42 -16.22 -9.23
CA VAL C 65 8.60 -15.84 -10.62
C VAL C 65 9.38 -14.53 -10.67
N CYS C 66 10.52 -14.56 -11.36
CA CYS C 66 11.33 -13.37 -11.55
C CYS C 66 10.99 -12.75 -12.89
N SER C 67 11.10 -11.43 -12.96
CA SER C 67 10.97 -10.72 -14.22
C SER C 67 11.91 -9.52 -14.25
N CYS C 68 12.04 -8.90 -15.41
CA CYS C 68 12.99 -7.81 -15.62
C CYS C 68 12.33 -6.58 -16.22
N ALA C 69 12.98 -5.44 -16.08
CA ALA C 69 12.49 -4.18 -16.65
C ALA C 69 12.80 -4.13 -18.14
N ARG C 70 12.33 -3.07 -18.80
CA ARG C 70 12.55 -2.89 -20.23
C ARG C 70 14.04 -2.80 -20.50
N GLY C 71 14.47 -3.32 -21.65
CA GLY C 71 15.89 -3.35 -22.00
C GLY C 71 16.61 -4.61 -21.54
N TYR C 72 15.95 -5.44 -20.74
CA TYR C 72 16.50 -6.71 -20.27
C TYR C 72 15.61 -7.88 -20.71
N THR C 73 16.19 -9.06 -20.75
CA THR C 73 15.42 -10.30 -20.87
C THR C 73 15.86 -11.25 -19.78
N LEU C 74 14.93 -12.03 -19.26
CA LEU C 74 15.22 -13.02 -18.22
C LEU C 74 16.19 -14.07 -18.75
N ALA C 75 17.11 -14.52 -17.91
CA ALA C 75 18.09 -15.54 -18.30
C ALA C 75 17.46 -16.93 -18.29
N ASP C 76 18.19 -17.90 -18.83
CA ASP C 76 17.73 -19.29 -18.87
C ASP C 76 17.51 -19.87 -17.47
N ASN C 77 18.26 -19.38 -16.49
CA ASN C 77 18.05 -19.78 -15.10
C ASN C 77 16.74 -19.25 -14.50
N GLY C 78 16.07 -18.34 -15.20
CA GLY C 78 14.79 -17.78 -14.76
C GLY C 78 14.91 -16.79 -13.62
N LYS C 79 16.11 -16.25 -13.43
CA LYS C 79 16.40 -15.34 -12.31
C LYS C 79 17.18 -14.10 -12.74
N ALA C 80 18.27 -14.33 -13.46
CA ALA C 80 19.15 -13.24 -13.89
C ALA C 80 18.47 -12.39 -14.96
N CYS C 81 18.83 -11.11 -15.00
CA CYS C 81 18.33 -10.17 -15.99
C CYS C 81 19.47 -9.77 -16.92
N ILE C 82 19.35 -10.13 -18.20
CA ILE C 82 20.41 -9.93 -19.19
C ILE C 82 20.05 -8.78 -20.12
N PRO C 83 20.96 -7.78 -20.25
CA PRO C 83 20.68 -6.66 -21.16
C PRO C 83 20.54 -7.07 -22.64
N THR C 84 19.57 -6.49 -23.34
CA THR C 84 19.38 -6.68 -24.78
C THR C 84 19.89 -5.44 -25.53
N GLY C 85 21.20 -5.26 -25.48
CA GLY C 85 21.89 -4.12 -26.06
C GLY C 85 22.65 -3.32 -25.03
N PRO C 86 23.51 -2.39 -25.50
CA PRO C 86 24.25 -1.55 -24.58
C PRO C 86 23.35 -0.49 -23.96
N TYR C 87 23.75 0.00 -22.78
CA TYR C 87 23.01 1.02 -22.05
C TYR C 87 21.59 0.58 -21.68
N PRO C 88 21.46 -0.54 -20.95
CA PRO C 88 20.18 -0.95 -20.37
C PRO C 88 19.83 -0.06 -19.20
N CYS C 89 18.55 0.05 -18.86
CA CYS C 89 18.11 0.97 -17.82
C CYS C 89 18.77 0.64 -16.47
N GLY C 90 18.97 1.65 -15.65
CA GLY C 90 19.45 1.46 -14.28
C GLY C 90 20.94 1.21 -14.10
N LYS C 91 21.70 1.11 -15.19
CA LYS C 91 23.13 0.81 -15.11
C LYS C 91 23.99 2.05 -15.34
N GLN C 92 24.84 2.35 -14.37
CA GLN C 92 25.75 3.50 -14.45
C GLN C 92 26.69 3.28 -15.63
N THR C 93 26.73 4.25 -16.56
CA THR C 93 27.41 4.08 -17.83
C THR C 93 28.91 4.34 -17.70
N LEU C 94 29.60 3.44 -17.00
CA LEU C 94 31.04 3.59 -16.78
C LEU C 94 31.86 3.22 -18.03
N GLU C 95 31.24 2.46 -18.94
CA GLU C 95 31.85 2.11 -20.22
C GLU C 95 31.42 3.11 -21.28
N ARG C 96 32.23 3.84 -21.84
N ILE D 1 21.61 20.87 -5.16
CA ILE D 1 21.95 19.90 -4.07
C ILE D 1 22.86 20.56 -3.05
N VAL D 2 22.42 20.56 -1.78
CA VAL D 2 23.21 21.07 -0.68
C VAL D 2 24.05 19.93 -0.12
N GLY D 3 25.37 20.13 -0.06
CA GLY D 3 26.30 19.08 0.34
C GLY D 3 26.45 18.07 -0.77
N GLY D 4 26.58 16.80 -0.42
CA GLY D 4 26.68 15.74 -1.42
C GLY D 4 27.98 15.74 -2.20
N GLN D 5 27.99 14.98 -3.30
CA GLN D 5 29.14 14.85 -4.19
C GLN D 5 28.70 15.19 -5.60
N GLU D 6 29.64 15.54 -6.48
CA GLU D 6 29.31 15.77 -7.88
C GLU D 6 29.29 14.44 -8.64
N CYS D 7 28.36 14.30 -9.59
CA CYS D 7 28.26 13.07 -10.39
C CYS D 7 29.46 12.96 -11.31
N LYS D 8 30.16 11.82 -11.24
CA LYS D 8 31.28 11.53 -12.13
C LYS D 8 30.76 10.95 -13.44
N ASP D 9 31.67 10.75 -14.39
CA ASP D 9 31.29 10.23 -15.72
C ASP D 9 30.53 8.91 -15.61
N GLY D 10 29.27 8.92 -16.04
CA GLY D 10 28.46 7.72 -16.10
C GLY D 10 27.70 7.37 -14.83
N GLU D 11 27.78 8.24 -13.81
CA GLU D 11 27.18 7.94 -12.50
C GLU D 11 25.69 8.31 -12.39
N CYS D 12 25.28 9.34 -13.12
CA CYS D 12 23.91 9.85 -13.05
C CYS D 12 23.38 10.05 -14.48
N PRO D 13 23.43 8.98 -15.30
CA PRO D 13 23.15 9.13 -16.74
C PRO D 13 21.68 9.35 -17.08
N TRP D 14 20.80 9.18 -16.09
CA TRP D 14 19.35 9.43 -16.25
C TRP D 14 18.99 10.90 -15.99
N GLN D 15 19.97 11.71 -15.61
CA GLN D 15 19.71 13.13 -15.35
C GLN D 15 19.35 13.87 -16.62
N ALA D 16 18.21 14.57 -16.58
CA ALA D 16 17.81 15.47 -17.66
C ALA D 16 17.73 16.89 -17.11
N LEU D 17 17.79 17.87 -18.01
CA LEU D 17 17.73 19.27 -17.62
C LEU D 17 16.74 20.02 -18.51
N LEU D 18 15.75 20.65 -17.90
CA LEU D 18 14.80 21.48 -18.63
C LEU D 18 15.36 22.88 -18.74
N ILE D 19 15.52 23.35 -19.97
CA ILE D 19 16.13 24.65 -20.24
C ILE D 19 15.12 25.58 -20.90
N ASN D 20 15.23 26.88 -20.59
CA ASN D 20 14.27 27.87 -21.07
C ASN D 20 14.74 28.57 -22.33
N GLU D 21 13.91 29.47 -22.86
CA GLU D 21 14.25 30.30 -24.02
C GLU D 21 15.63 30.97 -23.92
N GLU D 22 16.06 31.30 -22.70
CA GLU D 22 17.39 31.93 -22.50
C GLU D 22 18.52 30.90 -22.29
N ASN D 23 18.22 29.62 -22.51
CA ASN D 23 19.19 28.54 -22.32
C ASN D 23 19.58 28.28 -20.86
N GLU D 24 18.79 28.79 -19.92
CA GLU D 24 19.02 28.58 -18.48
C GLU D 24 18.29 27.33 -18.01
N GLY D 25 18.99 26.47 -17.27
CA GLY D 25 18.37 25.30 -16.65
C GLY D 25 17.54 25.70 -15.45
N PHE D 26 16.26 25.36 -15.45
CA PHE D 26 15.35 25.76 -14.37
C PHE D 26 14.75 24.60 -13.56
N CYS D 27 14.83 23.39 -14.12
CA CYS D 27 14.34 22.18 -13.43
C CYS D 27 15.11 20.96 -13.91
N GLY D 28 14.99 19.86 -13.16
CA GLY D 28 15.54 18.57 -13.58
C GLY D 28 14.49 17.65 -14.17
N GLY D 29 14.94 16.48 -14.60
CA GLY D 29 14.07 15.43 -15.11
C GLY D 29 14.76 14.08 -15.04
N THR D 30 14.01 13.01 -15.33
CA THR D 30 14.58 11.66 -15.38
C THR D 30 14.27 11.01 -16.72
N ILE D 31 15.30 10.44 -17.34
CA ILE D 31 15.12 9.71 -18.60
C ILE D 31 14.49 8.35 -18.30
N LEU D 32 13.37 8.08 -18.94
CA LEU D 32 12.67 6.79 -18.80
C LEU D 32 12.87 5.88 -20.01
N SER D 33 13.01 6.48 -21.17
CA SER D 33 13.23 5.74 -22.42
C SER D 33 13.72 6.72 -23.48
N GLU D 34 13.76 6.29 -24.73
CA GLU D 34 14.24 7.13 -25.82
C GLU D 34 13.34 8.36 -26.06
N PHE D 35 12.04 8.24 -25.80
CA PHE D 35 11.07 9.31 -26.06
C PHE D 35 10.51 10.03 -24.82
N TYR D 36 10.69 9.45 -23.64
CA TYR D 36 9.98 9.94 -22.44
C TYR D 36 10.86 10.43 -21.31
N ILE D 37 10.47 11.58 -20.74
CA ILE D 37 11.11 12.18 -19.57
C ILE D 37 10.10 12.34 -18.43
N LEU D 38 10.50 11.96 -17.23
CA LEU D 38 9.69 12.17 -16.02
C LEU D 38 10.11 13.47 -15.34
N THR D 39 9.14 14.30 -14.97
CA THR D 39 9.44 15.57 -14.30
C THR D 39 8.29 16.00 -13.39
N ALA D 40 8.48 17.11 -12.69
CA ALA D 40 7.46 17.65 -11.80
C ALA D 40 6.48 18.51 -12.60
N ALA D 41 5.21 18.48 -12.20
CA ALA D 41 4.17 19.27 -12.84
C ALA D 41 4.40 20.77 -12.64
N HIS D 42 4.91 21.15 -11.46
CA HIS D 42 5.09 22.55 -11.12
C HIS D 42 6.16 23.26 -11.95
N CYS D 43 7.07 22.49 -12.54
CA CYS D 43 8.10 23.01 -13.42
C CYS D 43 7.56 23.59 -14.74
N LEU D 44 6.33 23.24 -15.10
CA LEU D 44 5.78 23.59 -16.40
C LEU D 44 5.13 24.98 -16.48
N TYR D 45 5.24 25.77 -15.42
CA TYR D 45 4.85 27.19 -15.53
C TYR D 45 5.89 28.11 -14.90
N GLN D 46 7.15 27.72 -15.08
CA GLN D 46 8.29 28.56 -14.77
C GLN D 46 8.99 29.00 -16.05
N ALA D 47 8.26 28.96 -17.16
CA ALA D 47 8.76 29.37 -18.46
C ALA D 47 7.58 29.40 -19.43
N LYS D 48 7.76 30.07 -20.57
CA LYS D 48 6.73 30.11 -21.59
C LYS D 48 6.95 28.97 -22.60
N ARG D 49 8.19 28.48 -22.67
CA ARG D 49 8.57 27.41 -23.60
C ARG D 49 9.94 26.84 -23.17
N PHE D 50 10.12 25.53 -23.33
CA PHE D 50 11.35 24.87 -22.88
C PHE D 50 11.79 23.71 -23.77
N LYS D 51 13.02 23.26 -23.53
CA LYS D 51 13.59 22.09 -24.20
C LYS D 51 14.26 21.18 -23.18
N VAL D 52 14.60 19.95 -23.59
CA VAL D 52 15.28 19.00 -22.71
C VAL D 52 16.72 18.79 -23.17
N ARG D 53 17.65 18.85 -22.22
CA ARG D 53 19.06 18.60 -22.49
C ARG D 53 19.52 17.39 -21.69
N VAL D 54 20.23 16.48 -22.36
CA VAL D 54 20.74 15.26 -21.75
C VAL D 54 22.26 15.20 -21.86
N GLY D 55 22.89 14.42 -20.97
CA GLY D 55 24.34 14.23 -21.00
C GLY D 55 25.15 15.42 -20.49
N ASP D 56 24.48 16.35 -19.81
CA ASP D 56 25.11 17.56 -19.31
C ASP D 56 25.60 17.30 -17.88
N ARG D 57 26.88 17.59 -17.63
CA ARG D 57 27.42 17.54 -16.27
C ARG D 57 27.99 18.89 -15.82
N ASN D 58 28.02 19.87 -16.73
CA ASN D 58 28.62 21.19 -16.47
C ASN D 58 27.92 22.26 -17.31
N THR D 59 27.14 23.13 -16.67
CA THR D 59 26.32 24.10 -17.42
C THR D 59 27.10 25.26 -18.03
N GLU D 60 28.32 25.52 -17.56
CA GLU D 60 29.12 26.64 -18.06
C GLU D 60 30.04 26.27 -19.24
N GLN D 61 30.24 24.96 -19.46
CA GLN D 61 31.03 24.49 -20.59
C GLN D 61 30.30 23.41 -21.38
N GLU D 62 30.64 23.26 -22.65
CA GLU D 62 30.07 22.21 -23.49
C GLU D 62 30.86 20.90 -23.33
N GLU D 63 30.18 19.78 -23.55
CA GLU D 63 30.74 18.45 -23.29
C GLU D 63 30.16 17.43 -24.26
N GLY D 64 30.98 16.47 -24.66
CA GLY D 64 30.64 15.51 -25.72
C GLY D 64 29.34 14.74 -25.58
N GLY D 65 28.89 14.51 -24.36
CA GLY D 65 27.65 13.79 -24.13
C GLY D 65 26.36 14.54 -24.49
N GLU D 66 26.44 15.86 -24.63
CA GLU D 66 25.23 16.70 -24.67
C GLU D 66 24.41 16.59 -25.94
N ALA D 67 23.09 16.65 -25.76
CA ALA D 67 22.17 16.77 -26.88
C ALA D 67 20.87 17.43 -26.41
N VAL D 68 20.31 18.29 -27.25
CA VAL D 68 19.06 18.96 -26.96
C VAL D 68 17.89 18.22 -27.61
N HIS D 69 16.75 18.19 -26.94
CA HIS D 69 15.53 17.58 -27.48
C HIS D 69 14.33 18.48 -27.25
N GLU D 70 13.50 18.64 -28.27
CA GLU D 70 12.27 19.40 -28.15
C GLU D 70 11.11 18.49 -27.74
N VAL D 71 10.22 19.03 -26.93
CA VAL D 71 9.08 18.28 -26.42
C VAL D 71 7.97 18.36 -27.46
N GLU D 72 7.36 17.22 -27.77
CA GLU D 72 6.21 17.16 -28.66
C GLU D 72 4.91 17.32 -27.86
N VAL D 73 4.79 16.57 -26.77
CA VAL D 73 3.61 16.62 -25.91
C VAL D 73 4.00 16.70 -24.44
N VAL D 74 3.35 17.59 -23.71
CA VAL D 74 3.52 17.70 -22.25
C VAL D 74 2.30 17.09 -21.56
N ILE D 75 2.53 16.02 -20.79
CA ILE D 75 1.43 15.34 -20.08
C ILE D 75 1.51 15.66 -18.59
N LYS D 76 0.94 16.80 -18.23
CA LYS D 76 0.84 17.24 -16.84
C LYS D 76 -0.35 16.55 -16.19
N HIS D 77 -0.21 16.18 -14.92
CA HIS D 77 -1.29 15.50 -14.20
C HIS D 77 -2.42 16.51 -13.88
N ASN D 78 -3.60 16.27 -14.44
CA ASN D 78 -4.74 17.21 -14.34
C ASN D 78 -5.18 17.59 -12.91
N ARG D 79 -4.80 16.77 -11.93
CA ARG D 79 -5.10 17.04 -10.51
C ARG D 79 -4.01 17.84 -9.77
N PHE D 80 -2.95 18.24 -10.46
CA PHE D 80 -1.89 19.02 -9.81
C PHE D 80 -2.43 20.35 -9.27
N THR D 81 -2.13 20.64 -8.01
CA THR D 81 -2.50 21.91 -7.38
C THR D 81 -1.30 22.53 -6.67
N LYS D 82 -0.97 23.77 -7.05
CA LYS D 82 0.18 24.46 -6.51
C LYS D 82 0.04 24.87 -5.04
N GLU D 83 -1.17 24.82 -4.50
CA GLU D 83 -1.39 25.16 -3.09
C GLU D 83 -0.75 24.13 -2.17
N THR D 84 -0.77 22.86 -2.58
CA THR D 84 -0.16 21.77 -1.82
C THR D 84 0.98 21.07 -2.54
N TYR D 85 1.13 21.32 -3.85
CA TYR D 85 2.04 20.56 -4.70
C TYR D 85 1.67 19.06 -4.71
N ASP D 86 0.38 18.77 -4.54
CA ASP D 86 -0.11 17.39 -4.65
C ASP D 86 -0.24 17.02 -6.12
N PHE D 87 -0.02 15.75 -6.43
CA PHE D 87 0.02 15.25 -7.82
C PHE D 87 1.12 15.95 -8.65
N ASP D 88 2.29 16.09 -8.05
CA ASP D 88 3.38 16.84 -8.66
C ASP D 88 4.19 15.93 -9.58
N ILE D 89 3.63 15.67 -10.76
CA ILE D 89 4.21 14.72 -11.69
C ILE D 89 3.76 15.04 -13.12
N ALA D 90 4.69 14.92 -14.06
CA ALA D 90 4.40 15.13 -15.47
C ALA D 90 5.34 14.28 -16.34
N VAL D 91 4.85 13.91 -17.52
CA VAL D 91 5.60 13.09 -18.46
C VAL D 91 5.74 13.88 -19.76
N LEU D 92 6.96 13.89 -20.31
CA LEU D 92 7.26 14.63 -21.52
C LEU D 92 7.52 13.64 -22.66
N ARG D 93 6.86 13.88 -23.80
CA ARG D 93 7.13 13.13 -25.02
C ARG D 93 8.03 13.98 -25.91
N LEU D 94 9.22 13.45 -26.20
CA LEU D 94 10.18 14.13 -27.08
C LEU D 94 9.84 13.86 -28.55
N LYS D 95 10.15 14.82 -29.41
CA LYS D 95 9.93 14.68 -30.85
C LYS D 95 10.86 13.62 -31.46
N THR D 96 12.13 13.65 -31.06
CA THR D 96 13.14 12.72 -31.57
C THR D 96 13.66 11.84 -30.43
N PRO D 97 14.07 10.60 -30.76
CA PRO D 97 14.54 9.67 -29.73
C PRO D 97 15.93 9.99 -29.20
N ILE D 98 16.14 9.79 -27.90
CA ILE D 98 17.44 9.95 -27.28
C ILE D 98 18.35 8.80 -27.73
N THR D 99 19.61 9.10 -28.00
CA THR D 99 20.63 8.08 -28.22
C THR D 99 21.33 7.81 -26.90
N PHE D 100 21.26 6.57 -26.43
CA PHE D 100 21.90 6.23 -25.17
C PHE D 100 23.39 6.09 -25.38
N ARG D 101 24.17 6.63 -24.45
CA ARG D 101 25.62 6.63 -24.54
C ARG D 101 26.20 6.90 -23.14
N MET D 102 27.50 7.16 -23.06
CA MET D 102 28.12 7.61 -21.82
C MET D 102 27.38 8.85 -21.31
N ASN D 103 26.97 8.81 -20.04
CA ASN D 103 26.21 9.89 -19.39
C ASN D 103 24.77 10.07 -19.85
N VAL D 104 24.26 9.14 -20.66
CA VAL D 104 22.89 9.19 -21.16
C VAL D 104 22.25 7.80 -21.18
N ALA D 105 21.45 7.51 -20.16
CA ALA D 105 20.78 6.22 -20.04
C ALA D 105 19.55 6.35 -19.16
N PRO D 106 18.49 5.59 -19.44
CA PRO D 106 17.28 5.73 -18.65
C PRO D 106 17.39 5.05 -17.28
N ALA D 107 16.65 5.56 -16.31
CA ALA D 107 16.46 4.87 -15.04
C ALA D 107 15.33 3.86 -15.25
N CYS D 108 15.37 2.74 -14.53
CA CYS D 108 14.34 1.72 -14.67
C CYS D 108 13.06 2.12 -13.93
N LEU D 109 11.92 1.78 -14.53
CA LEU D 109 10.63 1.91 -13.87
C LEU D 109 10.34 0.61 -13.13
N PRO D 110 10.17 0.68 -11.80
CA PRO D 110 9.89 -0.51 -11.02
C PRO D 110 8.41 -0.91 -11.06
N GLU D 111 8.12 -2.14 -10.65
CA GLU D 111 6.74 -2.58 -10.49
C GLU D 111 6.20 -2.13 -9.14
N ARG D 112 4.90 -1.90 -9.09
CA ARG D 112 4.26 -1.20 -7.96
C ARG D 112 4.48 -1.88 -6.62
N ASP D 113 4.10 -3.15 -6.52
CA ASP D 113 4.17 -3.89 -5.26
C ASP D 113 5.61 -4.17 -4.86
N TRP D 114 6.43 -4.56 -5.83
CA TRP D 114 7.84 -4.86 -5.58
C TRP D 114 8.55 -3.62 -5.04
N ALA D 115 8.35 -2.49 -5.70
CA ALA D 115 8.90 -1.20 -5.26
C ALA D 115 8.57 -0.92 -3.80
N GLU D 116 7.30 -1.11 -3.44
CA GLU D 116 6.82 -0.82 -2.09
C GLU D 116 7.40 -1.80 -1.06
N SER D 117 7.48 -3.08 -1.43
CA SER D 117 8.09 -4.11 -0.59
C SER D 117 9.62 -4.03 -0.50
N THR D 118 10.28 -3.69 -1.62
CA THR D 118 11.73 -3.90 -1.75
C THR D 118 12.56 -2.62 -1.87
N LEU D 119 12.09 -1.64 -2.64
CA LEU D 119 12.83 -0.40 -2.85
C LEU D 119 12.62 0.60 -1.72
N MET D 120 11.35 0.83 -1.38
CA MET D 120 10.99 1.78 -0.31
C MET D 120 11.56 1.34 1.04
N THR D 121 11.80 0.04 1.20
CA THR D 121 12.32 -0.53 2.44
C THR D 121 13.86 -0.51 2.54
N GLN D 122 14.55 0.03 1.53
CA GLN D 122 16.01 0.21 1.60
C GLN D 122 16.33 1.38 2.53
N LYS D 123 17.57 1.45 3.01
CA LYS D 123 17.98 2.51 3.93
C LYS D 123 18.00 3.89 3.25
N THR D 124 18.56 3.97 2.04
CA THR D 124 18.72 5.25 1.35
C THR D 124 18.32 5.19 -0.12
N GLY D 125 18.14 6.38 -0.70
CA GLY D 125 18.03 6.56 -2.15
C GLY D 125 19.07 7.60 -2.56
N ILE D 126 19.13 7.92 -3.85
CA ILE D 126 20.06 8.93 -4.34
C ILE D 126 19.31 9.99 -5.15
N VAL D 127 19.67 11.25 -4.94
CA VAL D 127 19.01 12.35 -5.62
C VAL D 127 20.07 13.26 -6.24
N SER D 128 19.81 13.74 -7.45
CA SER D 128 20.77 14.53 -8.22
C SER D 128 20.15 15.75 -8.87
N GLY D 129 20.99 16.68 -9.31
CA GLY D 129 20.55 17.86 -10.06
C GLY D 129 21.52 19.01 -10.10
N PHE D 130 21.14 20.06 -10.83
CA PHE D 130 21.90 21.31 -10.93
C PHE D 130 21.34 22.42 -10.05
N GLY D 131 20.58 22.04 -9.03
CA GLY D 131 19.89 23.01 -8.18
C GLY D 131 20.83 23.75 -7.25
N ARG D 132 20.24 24.54 -6.35
CA ARG D 132 21.01 25.39 -5.46
C ARG D 132 21.87 24.60 -4.48
N THR D 133 23.04 25.13 -4.16
CA THR D 133 23.99 24.49 -3.26
C THR D 133 23.80 24.95 -1.81
N HIS D 134 23.12 26.08 -1.65
CA HIS D 134 22.61 26.52 -0.35
C HIS D 134 21.19 27.00 -0.57
N GLU D 135 20.37 26.95 0.49
CA GLU D 135 18.98 27.39 0.40
C GLU D 135 18.81 28.74 -0.31
N LYS D 136 19.74 29.66 -0.06
CA LYS D 136 19.67 31.03 -0.62
C LYS D 136 20.77 31.28 -1.66
N GLY D 137 21.53 30.24 -1.99
CA GLY D 137 22.64 30.37 -2.94
C GLY D 137 22.18 30.33 -4.38
N ARG D 138 23.14 30.26 -5.30
CA ARG D 138 22.85 30.16 -6.73
C ARG D 138 22.85 28.71 -7.18
N GLN D 139 22.42 28.52 -8.43
CA GLN D 139 22.43 27.21 -9.08
C GLN D 139 23.86 26.70 -9.21
N SER D 140 24.03 25.39 -9.08
CA SER D 140 25.33 24.75 -9.27
C SER D 140 25.64 24.65 -10.76
N THR D 141 26.88 24.94 -11.13
CA THR D 141 27.33 24.72 -12.51
C THR D 141 27.54 23.24 -12.81
N ARG D 142 27.77 22.44 -11.77
CA ARG D 142 28.04 21.00 -11.92
C ARG D 142 26.91 20.14 -11.42
N LEU D 143 26.71 19.00 -12.07
CA LEU D 143 25.72 18.02 -11.64
C LEU D 143 26.17 17.36 -10.34
N LYS D 144 25.39 17.54 -9.28
CA LYS D 144 25.69 16.94 -7.98
C LYS D 144 24.69 15.85 -7.62
N MET D 145 25.10 14.97 -6.71
CA MET D 145 24.23 13.91 -6.20
C MET D 145 24.34 13.83 -4.68
N LEU D 146 23.37 13.17 -4.06
CA LEU D 146 23.33 13.04 -2.61
C LEU D 146 22.58 11.78 -2.18
N GLU D 147 23.20 10.97 -1.35
CA GLU D 147 22.54 9.81 -0.75
C GLU D 147 21.64 10.27 0.40
N VAL D 148 20.34 10.02 0.27
CA VAL D 148 19.35 10.47 1.25
C VAL D 148 18.59 9.28 1.85
N PRO D 149 18.62 9.15 3.19
CA PRO D 149 17.85 8.05 3.79
C PRO D 149 16.35 8.27 3.73
N TYR D 150 15.60 7.19 3.51
CA TYR D 150 14.15 7.20 3.61
C TYR D 150 13.75 7.54 5.05
N VAL D 151 12.80 8.47 5.19
CA VAL D 151 12.33 8.92 6.49
C VAL D 151 11.01 8.23 6.82
N ASP D 152 10.85 7.85 8.08
CA ASP D 152 9.59 7.28 8.60
C ASP D 152 8.44 8.25 8.36
N ARG D 153 7.31 7.72 7.89
CA ARG D 153 6.18 8.56 7.46
C ARG D 153 5.54 9.38 8.58
N ASN D 154 5.46 8.83 9.79
CA ASN D 154 4.89 9.55 10.91
C ASN D 154 5.78 10.71 11.35
N SER D 155 7.09 10.45 11.43
CA SER D 155 8.08 11.48 11.72
C SER D 155 8.04 12.58 10.67
N CYS D 156 7.86 12.16 9.42
CA CYS D 156 7.73 13.07 8.29
C CYS D 156 6.55 14.04 8.43
N LYS D 157 5.38 13.51 8.80
CA LYS D 157 4.18 14.33 8.99
C LYS D 157 4.30 15.28 10.18
N LEU D 158 4.90 14.79 11.27
CA LEU D 158 5.09 15.60 12.48
C LEU D 158 6.08 16.75 12.28
N SER D 159 6.97 16.63 11.30
CA SER D 159 7.95 17.67 11.00
C SER D 159 7.40 18.79 10.11
N SER D 160 6.33 18.51 9.37
CA SER D 160 5.90 19.39 8.28
C SER D 160 4.86 20.43 8.68
N SER D 161 5.07 21.66 8.23
CA SER D 161 4.09 22.73 8.40
C SER D 161 2.97 22.63 7.36
N PHE D 162 3.16 21.75 6.37
CA PHE D 162 2.21 21.58 5.28
C PHE D 162 1.83 20.11 5.14
N ILE D 163 0.70 19.86 4.50
CA ILE D 163 0.18 18.51 4.38
C ILE D 163 1.07 17.58 3.56
N ILE D 164 1.27 16.38 4.08
CA ILE D 164 1.95 15.30 3.36
C ILE D 164 0.88 14.31 2.91
N THR D 165 0.63 14.26 1.60
CA THR D 165 -0.42 13.39 1.05
C THR D 165 0.12 11.99 0.75
N GLN D 166 -0.78 11.09 0.39
CA GLN D 166 -0.44 9.73 -0.03
C GLN D 166 0.47 9.69 -1.28
N ASN D 167 0.53 10.80 -2.02
CA ASN D 167 1.35 10.93 -3.21
C ASN D 167 2.74 11.52 -2.93
N MET D 168 3.14 11.56 -1.65
CA MET D 168 4.41 12.16 -1.23
C MET D 168 5.14 11.27 -0.24
N PHE D 169 6.48 11.33 -0.26
CA PHE D 169 7.28 10.74 0.83
C PHE D 169 8.44 11.64 1.22
N CYS D 170 8.93 11.44 2.44
CA CYS D 170 10.06 12.21 2.98
C CYS D 170 11.38 11.48 2.79
N ALA D 171 12.44 12.23 2.48
CA ALA D 171 13.80 11.71 2.49
C ALA D 171 14.78 12.82 2.86
N GLY D 172 15.92 12.42 3.43
CA GLY D 172 16.97 13.37 3.83
C GLY D 172 17.37 13.17 5.27
N TYR D 173 17.90 14.22 5.88
CA TYR D 173 18.42 14.16 7.24
C TYR D 173 17.68 15.12 8.18
N ASP D 174 17.71 14.80 9.47
CA ASP D 174 17.07 15.63 10.49
C ASP D 174 17.85 16.94 10.67
N THR D 175 19.08 16.85 11.17
CA THR D 175 19.91 18.03 11.46
C THR D 175 21.05 18.24 10.46
N LYS D 176 21.58 17.14 9.92
CA LYS D 176 22.68 17.21 8.96
C LYS D 176 22.30 18.09 7.77
N GLN D 177 23.19 19.03 7.43
CA GLN D 177 22.91 20.06 6.42
C GLN D 177 23.15 19.56 5.01
N GLU D 178 22.37 18.55 4.61
CA GLU D 178 22.45 18.00 3.27
C GLU D 178 21.04 17.66 2.78
N ASP D 179 20.69 18.18 1.61
CA ASP D 179 19.33 18.10 1.09
C ASP D 179 19.31 18.54 -0.38
N ALA D 180 18.23 18.22 -1.08
CA ALA D 180 17.98 18.81 -2.40
C ALA D 180 17.49 20.24 -2.21
N CYS D 181 17.39 20.99 -3.29
CA CYS D 181 17.00 22.40 -3.20
C CYS D 181 16.40 22.92 -4.51
N GLN D 182 15.96 24.18 -4.49
CA GLN D 182 15.38 24.84 -5.66
C GLN D 182 16.26 24.64 -6.89
N GLY D 183 15.65 24.23 -7.99
CA GLY D 183 16.39 23.92 -9.22
C GLY D 183 16.59 22.43 -9.45
N ASP D 184 16.78 21.67 -8.38
CA ASP D 184 16.79 20.19 -8.46
C ASP D 184 15.39 19.70 -8.79
N SER D 185 14.40 20.48 -8.36
CA SER D 185 13.00 20.31 -8.70
C SER D 185 12.73 19.54 -9.99
N GLY D 186 11.91 18.49 -9.87
CA GLY D 186 11.53 17.66 -11.00
C GLY D 186 12.53 16.58 -11.35
N GLY D 187 13.65 16.54 -10.62
CA GLY D 187 14.76 15.63 -10.93
C GLY D 187 14.63 14.24 -10.32
N PRO D 188 15.66 13.40 -10.50
CA PRO D 188 15.59 11.99 -10.13
C PRO D 188 15.80 11.69 -8.65
N HIS D 189 14.92 10.87 -8.09
CA HIS D 189 15.20 10.16 -6.84
C HIS D 189 15.16 8.68 -7.19
N VAL D 190 16.32 8.04 -7.13
CA VAL D 190 16.45 6.63 -7.51
C VAL D 190 16.85 5.81 -6.30
N THR D 191 16.57 4.51 -6.35
CA THR D 191 17.02 3.59 -5.31
C THR D 191 17.79 2.44 -5.95
N ARG D 192 18.88 2.02 -5.31
CA ARG D 192 19.77 0.99 -5.84
C ARG D 192 19.32 -0.39 -5.39
N PHE D 193 19.39 -1.35 -6.31
CA PHE D 193 19.12 -2.75 -5.98
C PHE D 193 19.93 -3.64 -6.92
N LYS D 194 20.83 -4.43 -6.34
CA LYS D 194 21.71 -5.31 -7.11
C LYS D 194 22.36 -4.61 -8.31
N ASP D 195 23.03 -3.49 -8.03
CA ASP D 195 23.73 -2.69 -9.05
C ASP D 195 22.82 -2.11 -10.14
N THR D 196 21.55 -1.90 -9.81
CA THR D 196 20.60 -1.31 -10.75
C THR D 196 19.78 -0.24 -10.02
N TYR D 197 19.58 0.89 -10.69
CA TYR D 197 18.89 2.04 -10.10
C TYR D 197 17.48 2.20 -10.65
N PHE D 198 16.49 2.16 -9.76
CA PHE D 198 15.09 2.31 -10.12
C PHE D 198 14.60 3.67 -9.65
N VAL D 199 13.85 4.36 -10.51
CA VAL D 199 13.29 5.67 -10.17
C VAL D 199 12.16 5.48 -9.14
N THR D 200 12.38 6.06 -7.95
CA THR D 200 11.43 5.94 -6.84
C THR D 200 10.74 7.26 -6.48
N GLY D 201 11.29 8.40 -6.91
CA GLY D 201 10.70 9.69 -6.58
C GLY D 201 11.08 10.85 -7.48
N ILE D 202 10.35 11.95 -7.31
CA ILE D 202 10.56 13.18 -8.06
C ILE D 202 10.74 14.34 -7.08
N VAL D 203 11.80 15.13 -7.27
CA VAL D 203 12.07 16.27 -6.41
C VAL D 203 10.92 17.26 -6.52
N SER D 204 10.16 17.41 -5.44
CA SER D 204 8.97 18.26 -5.46
C SER D 204 9.16 19.57 -4.68
N TRP D 205 9.31 19.48 -3.36
CA TRP D 205 9.41 20.68 -2.52
C TRP D 205 10.02 20.41 -1.14
N GLY D 206 10.25 21.50 -0.40
CA GLY D 206 10.67 21.43 0.98
C GLY D 206 10.58 22.79 1.65
N GLU D 207 10.57 22.81 2.97
CA GLU D 207 10.56 24.06 3.73
C GLU D 207 11.97 24.63 3.76
N GLY D 208 12.28 25.45 2.77
CA GLY D 208 13.64 25.88 2.51
C GLY D 208 14.45 24.70 2.02
N CYS D 209 15.73 24.65 2.43
CA CYS D 209 16.61 23.56 2.08
C CYS D 209 17.58 23.26 3.22
N ALA D 210 17.77 21.98 3.52
CA ALA D 210 18.73 21.53 4.52
C ALA D 210 18.44 22.00 5.95
N ARG D 211 17.21 22.40 6.23
CA ARG D 211 16.87 22.96 7.54
C ARG D 211 16.76 21.86 8.61
N LYS D 212 17.08 22.22 9.86
CA LYS D 212 17.05 21.25 10.97
C LYS D 212 15.61 20.91 11.32
N GLY D 213 15.32 19.62 11.40
CA GLY D 213 13.97 19.15 11.68
C GLY D 213 13.10 19.05 10.44
N LYS D 214 13.67 19.33 9.26
CA LYS D 214 12.93 19.31 8.01
C LYS D 214 13.58 18.35 7.02
N TYR D 215 12.76 17.69 6.22
CA TYR D 215 13.22 16.75 5.22
C TYR D 215 12.85 17.22 3.82
N GLY D 216 13.41 16.58 2.80
CA GLY D 216 13.00 16.82 1.42
C GLY D 216 11.71 16.09 1.14
N ILE D 217 10.83 16.70 0.33
CA ILE D 217 9.56 16.06 -0.04
C ILE D 217 9.58 15.67 -1.51
N TYR D 218 9.27 14.41 -1.77
CA TYR D 218 9.38 13.81 -3.10
C TYR D 218 8.03 13.24 -3.56
N THR D 219 7.70 13.43 -4.84
CA THR D 219 6.51 12.81 -5.41
C THR D 219 6.73 11.29 -5.46
N LYS D 220 5.79 10.54 -4.91
CA LYS D 220 5.89 9.08 -4.82
C LYS D 220 5.53 8.45 -6.17
N VAL D 221 6.56 8.02 -6.90
CA VAL D 221 6.38 7.48 -8.25
C VAL D 221 5.53 6.19 -8.29
N THR D 222 5.57 5.40 -7.22
CA THR D 222 4.84 4.13 -7.17
C THR D 222 3.32 4.29 -7.20
N ALA D 223 2.84 5.46 -6.77
CA ALA D 223 1.42 5.77 -6.84
C ALA D 223 0.97 6.12 -8.27
N PHE D 224 1.91 6.30 -9.18
CA PHE D 224 1.59 6.74 -10.55
C PHE D 224 2.14 5.83 -11.65
N LEU D 225 2.57 4.61 -11.30
CA LEU D 225 3.21 3.74 -12.28
C LEU D 225 2.28 3.35 -13.42
N LYS D 226 1.04 2.98 -13.11
CA LYS D 226 0.03 2.70 -14.15
C LYS D 226 -0.23 3.95 -15.00
N TRP D 227 -0.36 5.09 -14.34
CA TRP D 227 -0.53 6.38 -15.04
C TRP D 227 0.64 6.69 -15.97
N ILE D 228 1.87 6.48 -15.51
CA ILE D 228 3.07 6.69 -16.35
C ILE D 228 3.07 5.71 -17.53
N ASP D 229 2.72 4.46 -17.27
CA ASP D 229 2.68 3.43 -18.30
C ASP D 229 1.61 3.75 -19.35
N ARG D 230 0.52 4.35 -18.89
CA ARG D 230 -0.56 4.78 -19.78
C ARG D 230 -0.13 5.97 -20.65
N SER D 231 0.64 6.88 -20.06
CA SER D 231 1.22 8.01 -20.79
C SER D 231 2.14 7.59 -21.95
N MET D 232 2.80 6.45 -21.78
CA MET D 232 3.78 5.96 -22.77
C MET D 232 3.16 5.07 -23.86
N LYS D 233 1.84 5.18 -24.05
CA LYS D 233 1.16 4.55 -25.18
C LYS D 233 0.79 5.57 -26.26
N THR D 234 0.42 6.78 -25.82
CA THR D 234 0.10 7.88 -26.73
C THR D 234 1.30 8.82 -26.89
N ARG D 235 1.57 9.32 -27.98
CA CA E . -29.60 -23.10 12.45
C36 7R9 F . -8.08 -17.66 21.26
C35 7R9 F . -8.27 -16.33 21.04
C34 7R9 F . -8.49 -16.03 19.75
CL 7R9 F . -8.76 -14.47 19.07
S33 7R9 F . -8.45 -17.40 18.85
C32 7R9 F . -8.14 -18.41 20.15
C31 7R9 F . -7.98 -19.93 20.02
O42 7R9 F . -8.31 -20.45 18.95
N30 7R9 F . -7.48 -20.60 21.05
C22 7R9 F . -7.32 -22.07 21.05
C19 7R9 F . -5.92 -22.56 20.63
C20 7R9 F . -5.54 -22.00 19.27
O41 7R9 F . -5.00 -20.90 19.18
N21 7R9 F . -5.82 -22.67 18.15
C23 7R9 F . -6.48 -23.98 18.08
C26 7R9 F . -5.49 -22.16 16.81
C25 7R9 F . -6.29 -23.08 15.90
C24 7R9 F . -6.18 -24.41 16.63
N27 7R9 F . -7.17 -25.36 16.12
C29 7R9 F . -6.73 -25.83 14.81
C28 7R9 F . -7.29 -26.51 17.01
N18 7R9 F . -4.92 -22.16 21.64
S17 7R9 F . -3.77 -23.31 21.82
O38 7R9 F . -2.78 -22.87 22.88
O39 7R9 F . -4.41 -24.59 22.24
C9 7R9 F . -2.92 -23.54 20.28
C8 7R9 F . -1.99 -22.62 19.81
O13 7R9 F . -1.74 -21.48 20.53
C14 7R9 F . -0.52 -21.44 21.23
F16 7R9 F . 0.16 -20.35 20.82
F15 7R9 F . -0.84 -21.27 22.52
C10 7R9 F . -3.18 -24.69 19.53
C11 7R9 F . -2.54 -24.91 18.32
C12 7R9 F . -1.63 -23.98 17.84
C7 7R9 F . -1.34 -22.83 18.58
N3 7R9 F . -0.40 -21.92 18.05
C2 7R9 F . -0.85 -20.57 17.66
C1 7R9 F . 0.08 -19.96 16.61
C6 7R9 F . 1.53 -19.96 17.10
C5 7R9 F . 2.03 -21.40 17.29
C4 7R9 F . 0.95 -22.33 17.88
O40 7R9 F . 1.30 -23.47 18.19
CA CA G . 28.13 20.51 -20.27
C36 7R9 H . 13.76 21.10 -0.86
C35 7R9 H . 13.82 19.75 -0.76
C34 7R9 H . 13.35 19.08 -1.82
CL 7R9 H . 13.29 17.37 -1.98
S33 7R9 H . 12.80 20.17 -2.96
C32 7R9 H . 13.21 21.51 -2.01
C31 7R9 H . 12.99 22.96 -2.46
O42 7R9 H . 12.77 23.20 -3.64
N30 7R9 H . 13.06 23.91 -1.52
C22 7R9 H . 12.90 25.33 -1.89
C19 7R9 H . 11.46 25.86 -1.75
C20 7R9 H . 10.49 24.98 -2.55
O41 7R9 H . 10.00 23.96 -2.05
N21 7R9 H . 10.21 25.30 -3.80
C23 7R9 H . 10.74 26.47 -4.52
C26 7R9 H . 9.29 24.53 -4.67
C25 7R9 H . 9.31 25.29 -5.99
C24 7R9 H . 9.69 26.71 -5.58
N27 7R9 H . 10.28 27.44 -6.72
C29 7R9 H . 9.42 27.33 -7.91
C28 7R9 H . 10.44 28.86 -6.37
N18 7R9 H . 11.10 25.86 -0.33
S17 7R9 H . 10.21 27.16 0.08
O38 7R9 H . 9.92 27.07 1.55
O39 7R9 H . 10.98 28.41 -0.19
C9 7R9 H . 8.72 27.17 -0.85
C8 7R9 H . 7.70 26.27 -0.57
O13 7R9 H . 7.86 25.34 0.42
C14 7R9 H . 7.09 25.59 1.60
F16 7R9 H . 7.24 24.53 2.39
F15 7R9 H . 7.57 26.61 2.33
C10 7R9 H . 8.57 28.11 -1.88
C11 7R9 H . 7.41 28.14 -2.64
C12 7R9 H . 6.39 27.22 -2.37
C7 7R9 H . 6.53 26.29 -1.34
N3 7R9 H . 5.49 25.39 -1.10
C2 7R9 H . 5.65 23.99 -1.55
C1 7R9 H . 4.31 23.34 -1.81
C6 7R9 H . 3.46 23.42 -0.54
C5 7R9 H . 3.14 24.88 -0.19
C4 7R9 H . 4.31 25.82 -0.45
O40 7R9 H . 4.22 26.99 -0.10
#